data_5ZVF
#
_entry.id   5ZVF
#
_entity_poly.entity_id   1
_entity_poly.type   'polypeptide(L)'
_entity_poly.pdbx_seq_one_letter_code
;ILPWKWKWTPWRR(NH2)
;
_entity_poly.pdbx_strand_id   A
#
# COMPACT_ATOMS: atom_id res chain seq x y z
N ILE A 1 -9.65 9.38 4.85
CA ILE A 1 -8.48 8.51 4.64
C ILE A 1 -7.97 8.84 3.23
N LEU A 2 -6.65 8.87 3.01
CA LEU A 2 -6.04 9.21 1.72
C LEU A 2 -4.97 8.15 1.40
N PRO A 3 -5.26 7.10 0.62
CA PRO A 3 -4.26 6.12 0.20
C PRO A 3 -3.46 6.62 -1.02
N TRP A 4 -2.18 6.24 -1.12
CA TRP A 4 -1.35 6.47 -2.31
C TRP A 4 -1.74 5.49 -3.42
N LYS A 5 -1.59 5.94 -4.67
CA LYS A 5 -1.78 5.14 -5.87
C LYS A 5 -0.42 4.51 -6.17
N TRP A 6 -0.37 3.17 -6.06
CA TRP A 6 0.82 2.31 -6.14
C TRP A 6 1.50 2.22 -4.77
N LYS A 7 1.17 1.17 -4.00
CA LYS A 7 1.79 0.88 -2.70
C LYS A 7 2.97 -0.11 -2.87
N TRP A 8 2.93 -0.90 -3.96
CA TRP A 8 3.90 -1.89 -4.40
C TRP A 8 3.99 -3.14 -3.50
N THR A 9 4.48 -2.97 -2.27
CA THR A 9 4.88 -4.06 -1.39
C THR A 9 3.66 -4.69 -0.67
N PRO A 10 3.54 -6.04 -0.62
CA PRO A 10 2.56 -6.72 0.22
C PRO A 10 3.07 -6.78 1.68
N TRP A 11 2.18 -6.61 2.67
CA TRP A 11 2.51 -6.73 4.09
C TRP A 11 2.58 -8.23 4.42
N ARG A 12 3.78 -8.79 4.45
CA ARG A 12 4.06 -10.22 4.53
C ARG A 12 3.94 -10.73 5.99
N ARG A 13 2.77 -10.52 6.59
CA ARG A 13 2.36 -10.85 7.96
C ARG A 13 2.22 -12.37 8.20
N ILE A 1 -6.30 -1.24 1.35
CA ILE A 1 -6.51 0.16 0.95
C ILE A 1 -5.21 0.91 1.27
N LEU A 2 -4.71 1.75 0.35
CA LEU A 2 -3.57 2.65 0.51
C LEU A 2 -3.57 3.56 -0.75
N PRO A 3 -4.22 4.74 -0.72
CA PRO A 3 -4.37 5.58 -1.93
C PRO A 3 -3.12 6.41 -2.27
N TRP A 4 -2.39 6.89 -1.25
CA TRP A 4 -1.28 7.84 -1.39
C TRP A 4 0.01 7.17 -1.88
N LYS A 5 -0.05 6.72 -3.14
CA LYS A 5 0.99 6.14 -4.00
C LYS A 5 1.27 4.69 -3.56
N TRP A 6 0.95 3.72 -4.43
CA TRP A 6 0.95 2.25 -4.28
C TRP A 6 1.63 1.64 -3.04
N LYS A 7 2.91 1.29 -3.16
CA LYS A 7 3.77 0.53 -2.24
C LYS A 7 3.50 -0.98 -2.36
N TRP A 8 4.54 -1.81 -2.32
CA TRP A 8 4.43 -3.27 -2.33
C TRP A 8 4.10 -3.78 -0.91
N THR A 9 2.89 -3.50 -0.42
CA THR A 9 2.38 -3.95 0.87
C THR A 9 0.86 -4.23 0.81
N PRO A 10 0.39 -5.24 0.04
CA PRO A 10 -1.03 -5.61 0.01
C PRO A 10 -1.44 -6.36 1.28
N TRP A 11 -0.64 -7.35 1.69
CA TRP A 11 -0.75 -8.09 2.95
C TRP A 11 -0.08 -7.24 4.05
N ARG A 12 -0.82 -6.94 5.12
CA ARG A 12 -0.30 -6.19 6.27
C ARG A 12 0.41 -7.19 7.20
N ARG A 13 1.59 -7.64 6.77
CA ARG A 13 2.50 -8.62 7.37
C ARG A 13 3.04 -8.25 8.77
N ILE A 1 -8.21 11.42 3.69
CA ILE A 1 -7.38 10.20 3.78
C ILE A 1 -6.57 10.10 2.47
N LEU A 2 -5.40 9.43 2.47
CA LEU A 2 -4.59 9.19 1.28
C LEU A 2 -3.74 7.94 1.57
N PRO A 3 -4.03 6.75 0.97
CA PRO A 3 -3.20 5.55 1.18
C PRO A 3 -1.94 5.57 0.28
N TRP A 4 -0.79 5.26 0.86
CA TRP A 4 0.47 4.98 0.16
C TRP A 4 0.48 3.49 -0.25
N LYS A 5 1.17 3.17 -1.35
CA LYS A 5 1.19 1.85 -1.96
C LYS A 5 2.40 1.73 -2.88
N TRP A 6 2.83 0.49 -3.17
CA TRP A 6 4.00 0.16 -3.99
C TRP A 6 3.68 -0.95 -5.01
N LYS A 7 2.42 -1.40 -5.08
CA LYS A 7 1.91 -2.27 -6.12
C LYS A 7 0.39 -2.11 -6.16
N TRP A 8 -0.28 -2.60 -5.11
CA TRP A 8 -1.72 -2.45 -4.88
C TRP A 8 -1.92 -2.20 -3.38
N THR A 9 -1.84 -3.25 -2.55
CA THR A 9 -1.83 -3.18 -1.10
C THR A 9 -0.58 -3.95 -0.63
N PRO A 10 0.59 -3.30 -0.43
CA PRO A 10 1.86 -3.97 -0.07
C PRO A 10 1.96 -4.23 1.45
N TRP A 11 0.92 -4.79 2.06
CA TRP A 11 0.78 -4.92 3.51
C TRP A 11 1.65 -6.07 4.03
N ARG A 12 2.49 -5.79 5.04
CA ARG A 12 3.26 -6.72 5.87
C ARG A 12 4.46 -7.42 5.19
N ARG A 13 4.52 -7.41 3.85
CA ARG A 13 5.37 -8.07 2.84
C ARG A 13 6.86 -8.41 3.14
N ILE A 1 -11.06 9.58 -0.38
CA ILE A 1 -10.34 8.37 -0.83
C ILE A 1 -8.86 8.67 -0.60
N LEU A 2 -8.03 7.67 -0.30
CA LEU A 2 -6.60 7.80 -0.03
C LEU A 2 -5.94 6.49 -0.50
N PRO A 3 -4.99 6.48 -1.47
CA PRO A 3 -4.27 5.26 -1.85
C PRO A 3 -3.15 4.93 -0.85
N TRP A 4 -2.33 5.93 -0.51
CA TRP A 4 -1.17 5.87 0.38
C TRP A 4 0.02 5.22 -0.34
N LYS A 5 0.65 5.96 -1.26
CA LYS A 5 1.75 5.53 -2.13
C LYS A 5 1.23 4.58 -3.24
N TRP A 6 2.14 3.89 -3.95
CA TRP A 6 1.80 2.77 -4.81
C TRP A 6 1.65 1.52 -3.93
N LYS A 7 0.51 1.42 -3.26
CA LYS A 7 0.14 0.37 -2.31
C LYS A 7 -0.19 -0.97 -3.01
N TRP A 8 0.68 -1.45 -3.91
CA TRP A 8 0.51 -2.64 -4.75
C TRP A 8 0.15 -3.90 -3.95
N THR A 9 1.13 -4.49 -3.23
CA THR A 9 0.99 -5.76 -2.53
C THR A 9 1.55 -5.60 -1.09
N PRO A 10 0.85 -4.92 -0.17
CA PRO A 10 1.30 -4.78 1.23
C PRO A 10 1.06 -6.10 2.01
N TRP A 11 2.12 -6.65 2.61
CA TRP A 11 2.04 -7.87 3.42
C TRP A 11 3.24 -7.96 4.37
N ARG A 12 4.46 -7.77 3.84
CA ARG A 12 5.72 -7.81 4.58
C ARG A 12 5.93 -6.48 5.35
N ARG A 13 5.04 -6.21 6.32
CA ARG A 13 4.97 -4.99 7.14
C ARG A 13 6.12 -4.88 8.17
N ILE A 1 -8.82 9.55 4.04
CA ILE A 1 -7.86 9.94 2.99
C ILE A 1 -7.51 8.67 2.20
N LEU A 2 -7.06 8.79 0.95
CA LEU A 2 -6.66 7.66 0.11
C LEU A 2 -5.12 7.68 0.01
N PRO A 3 -4.38 6.72 0.61
CA PRO A 3 -2.94 6.58 0.39
C PRO A 3 -2.67 5.84 -0.92
N TRP A 4 -1.61 6.23 -1.65
CA TRP A 4 -1.21 5.63 -2.93
C TRP A 4 0.32 5.74 -3.11
N LYS A 5 1.08 5.59 -2.02
CA LYS A 5 2.54 5.72 -1.99
C LYS A 5 3.17 4.51 -2.69
N TRP A 6 3.43 4.65 -3.99
CA TRP A 6 4.01 3.65 -4.89
C TRP A 6 3.00 2.54 -5.19
N LYS A 7 1.71 2.91 -5.27
CA LYS A 7 0.54 2.06 -5.41
C LYS A 7 0.12 1.57 -4.02
N TRP A 8 0.65 0.42 -3.59
CA TRP A 8 0.36 -0.22 -2.31
C TRP A 8 1.51 -1.18 -1.98
N THR A 9 1.83 -1.37 -0.70
CA THR A 9 2.93 -2.22 -0.24
C THR A 9 2.44 -3.09 0.95
N PRO A 10 1.92 -4.31 0.70
CA PRO A 10 1.51 -5.22 1.78
C PRO A 10 2.76 -5.97 2.32
N TRP A 11 2.96 -5.93 3.64
CA TRP A 11 4.07 -6.52 4.39
C TRP A 11 3.92 -8.05 4.54
N ARG A 12 3.86 -8.77 3.41
CA ARG A 12 3.65 -10.21 3.29
C ARG A 12 4.92 -11.00 3.70
N ARG A 13 5.31 -10.90 4.97
CA ARG A 13 6.47 -11.50 5.63
C ARG A 13 6.39 -13.06 5.72
N ILE A 1 -5.22 13.49 4.45
CA ILE A 1 -4.28 12.86 3.50
C ILE A 1 -4.80 11.44 3.26
N LEU A 2 -4.53 10.85 2.09
CA LEU A 2 -4.92 9.47 1.74
C LEU A 2 -4.01 8.97 0.60
N PRO A 3 -3.16 7.94 0.80
CA PRO A 3 -2.43 7.31 -0.30
C PRO A 3 -3.33 6.27 -1.00
N TRP A 4 -3.25 6.18 -2.34
CA TRP A 4 -4.00 5.23 -3.16
C TRP A 4 -3.34 3.82 -3.12
N LYS A 5 -3.18 3.29 -1.90
CA LYS A 5 -2.45 2.08 -1.52
C LYS A 5 -0.93 2.38 -1.55
N TRP A 6 -0.10 1.36 -1.78
CA TRP A 6 1.35 1.49 -1.91
C TRP A 6 1.83 0.51 -2.98
N LYS A 7 2.59 1.01 -3.97
CA LYS A 7 3.24 0.22 -5.00
C LYS A 7 4.25 -0.75 -4.37
N TRP A 8 4.16 -2.05 -4.72
CA TRP A 8 5.00 -3.14 -4.19
C TRP A 8 4.52 -3.58 -2.79
N THR A 9 3.22 -3.46 -2.51
CA THR A 9 2.57 -3.95 -1.30
C THR A 9 1.12 -4.37 -1.64
N PRO A 10 0.89 -5.61 -2.13
CA PRO A 10 -0.46 -6.16 -2.27
C PRO A 10 -1.01 -6.63 -0.92
N TRP A 11 -0.14 -7.25 -0.10
CA TRP A 11 -0.42 -7.84 1.21
C TRP A 11 0.69 -7.44 2.19
N ARG A 12 0.45 -7.67 3.48
CA ARG A 12 1.40 -7.63 4.58
C ARG A 12 1.06 -8.79 5.54
N ARG A 13 1.99 -9.14 6.44
CA ARG A 13 1.86 -10.24 7.39
C ARG A 13 2.39 -9.79 8.76
N ILE A 1 -2.70 13.63 -1.32
CA ILE A 1 -1.48 12.98 -1.84
C ILE A 1 -1.29 11.60 -1.17
N LEU A 2 -2.29 10.71 -1.27
CA LEU A 2 -2.22 9.37 -0.67
C LEU A 2 -1.88 8.38 -1.80
N PRO A 3 -0.80 7.59 -1.71
CA PRO A 3 -0.45 6.57 -2.73
C PRO A 3 -1.19 5.22 -2.54
N TRP A 4 -2.07 5.13 -1.52
CA TRP A 4 -2.79 3.96 -1.00
C TRP A 4 -3.20 2.89 -2.01
N LYS A 5 -2.36 1.85 -2.15
CA LYS A 5 -2.59 0.62 -2.92
C LYS A 5 -2.34 0.76 -4.43
N TRP A 6 -2.12 1.98 -4.92
CA TRP A 6 -1.81 2.28 -6.33
C TRP A 6 -0.40 1.80 -6.69
N LYS A 7 0.48 1.65 -5.69
CA LYS A 7 1.69 0.85 -5.68
C LYS A 7 2.08 0.63 -4.21
N TRP A 8 2.84 -0.44 -3.94
CA TRP A 8 3.54 -0.74 -2.68
C TRP A 8 2.56 -1.02 -1.52
N THR A 9 2.09 -2.26 -1.41
CA THR A 9 1.25 -2.71 -0.30
C THR A 9 1.60 -4.17 0.06
N PRO A 10 2.79 -4.44 0.66
CA PRO A 10 3.22 -5.82 0.96
C PRO A 10 2.48 -6.38 2.18
N TRP A 11 1.94 -7.61 2.04
CA TRP A 11 1.22 -8.30 3.11
C TRP A 11 2.20 -8.83 4.17
N ARG A 12 1.76 -8.86 5.43
CA ARG A 12 2.56 -9.20 6.61
C ARG A 12 2.70 -10.73 6.77
N ARG A 13 3.08 -11.42 5.70
CA ARG A 13 3.25 -12.88 5.59
C ARG A 13 4.49 -13.39 6.37
N ILE A 1 -4.59 16.65 -1.86
CA ILE A 1 -5.50 15.57 -1.41
C ILE A 1 -4.92 14.26 -1.94
N LEU A 2 -5.09 13.14 -1.23
CA LEU A 2 -4.67 11.81 -1.64
C LEU A 2 -5.57 10.82 -0.87
N PRO A 3 -6.62 10.24 -1.49
CA PRO A 3 -7.52 9.29 -0.79
C PRO A 3 -6.95 7.86 -0.75
N TRP A 4 -6.33 7.42 -1.86
CA TRP A 4 -5.74 6.09 -2.00
C TRP A 4 -4.33 6.06 -1.40
N LYS A 5 -3.94 4.89 -0.88
CA LYS A 5 -2.63 4.62 -0.31
C LYS A 5 -1.54 4.72 -1.39
N TRP A 6 -0.39 5.32 -1.06
CA TRP A 6 0.80 5.34 -1.89
C TRP A 6 1.44 3.93 -1.87
N LYS A 7 0.96 3.06 -2.75
CA LYS A 7 1.43 1.71 -3.02
C LYS A 7 0.87 0.67 -2.02
N TRP A 8 1.45 -0.53 -2.07
CA TRP A 8 1.17 -1.71 -1.25
C TRP A 8 2.51 -2.37 -0.93
N THR A 9 2.58 -3.12 0.18
CA THR A 9 3.76 -3.81 0.66
C THR A 9 3.26 -5.00 1.51
N PRO A 10 3.13 -6.24 0.96
CA PRO A 10 2.53 -7.37 1.67
C PRO A 10 3.57 -8.10 2.56
N TRP A 11 3.78 -7.60 3.79
CA TRP A 11 4.70 -8.17 4.79
C TRP A 11 4.15 -9.50 5.36
N ARG A 12 4.13 -10.54 4.53
CA ARG A 12 3.76 -11.93 4.78
C ARG A 12 4.87 -12.82 4.20
N ARG A 13 4.62 -14.12 4.03
CA ARG A 13 5.56 -15.08 3.43
C ARG A 13 4.79 -16.13 2.61
N ILE A 1 -9.21 7.86 -8.08
CA ILE A 1 -8.83 8.81 -7.02
C ILE A 1 -7.30 8.74 -6.86
N LEU A 2 -6.67 9.78 -6.31
CA LEU A 2 -5.26 9.76 -5.93
C LEU A 2 -5.24 9.65 -4.40
N PRO A 3 -4.88 8.50 -3.79
CA PRO A 3 -4.79 8.37 -2.33
C PRO A 3 -3.43 8.89 -1.83
N TRP A 4 -3.36 9.29 -0.55
CA TRP A 4 -2.16 9.83 0.08
C TRP A 4 -1.14 8.71 0.37
N LYS A 5 -0.37 8.32 -0.66
CA LYS A 5 0.83 7.46 -0.61
C LYS A 5 0.52 5.96 -0.49
N TRP A 6 -0.76 5.59 -0.55
CA TRP A 6 -1.30 4.26 -0.30
C TRP A 6 -0.78 3.22 -1.31
N LYS A 7 -0.18 2.14 -0.82
CA LYS A 7 0.34 1.01 -1.57
C LYS A 7 0.08 -0.25 -0.73
N TRP A 8 -0.50 -1.30 -1.31
CA TRP A 8 -0.81 -2.59 -0.68
C TRP A 8 0.41 -3.23 0.03
N THR A 9 1.56 -3.24 -0.66
CA THR A 9 2.89 -3.63 -0.17
C THR A 9 2.89 -5.05 0.47
N PRO A 10 2.66 -6.13 -0.32
CA PRO A 10 2.41 -7.47 0.22
C PRO A 10 3.67 -8.15 0.79
N TRP A 11 3.91 -7.94 2.08
CA TRP A 11 4.95 -8.58 2.91
C TRP A 11 4.95 -10.11 2.84
N ARG A 12 6.10 -10.72 3.15
CA ARG A 12 6.34 -12.16 3.17
C ARG A 12 6.78 -12.56 4.60
N ARG A 13 6.73 -13.87 4.91
CA ARG A 13 7.30 -14.46 6.11
C ARG A 13 7.70 -15.89 5.74
N ILE A 1 -11.18 9.01 -0.53
CA ILE A 1 -10.10 9.98 -0.25
C ILE A 1 -8.81 9.16 -0.16
N LEU A 2 -7.67 9.65 -0.69
CA LEU A 2 -6.43 8.88 -0.82
C LEU A 2 -5.16 9.76 -0.69
N PRO A 3 -4.75 10.18 0.53
CA PRO A 3 -3.48 10.90 0.73
C PRO A 3 -2.29 9.93 0.58
N TRP A 4 -2.37 8.80 1.29
CA TRP A 4 -1.58 7.59 1.06
C TRP A 4 -2.17 6.84 -0.13
N LYS A 5 -1.32 6.13 -0.88
CA LYS A 5 -1.66 5.25 -1.97
C LYS A 5 -1.31 3.82 -1.54
N TRP A 6 -1.20 2.90 -2.50
CA TRP A 6 -0.76 1.52 -2.30
C TRP A 6 0.76 1.46 -2.00
N LYS A 7 1.31 0.26 -1.85
CA LYS A 7 2.70 -0.01 -1.56
C LYS A 7 3.08 -1.38 -2.15
N TRP A 8 4.29 -1.49 -2.70
CA TRP A 8 4.82 -2.68 -3.37
C TRP A 8 4.91 -3.88 -2.42
N THR A 9 4.10 -4.90 -2.70
CA THR A 9 4.04 -6.23 -2.10
C THR A 9 3.46 -6.15 -0.66
N PRO A 10 2.13 -5.97 -0.49
CA PRO A 10 1.50 -5.90 0.84
C PRO A 10 1.42 -7.30 1.49
N TRP A 11 0.92 -7.36 2.72
CA TRP A 11 0.61 -8.60 3.46
C TRP A 11 1.86 -9.26 4.08
N ARG A 12 2.90 -8.45 4.33
CA ARG A 12 4.24 -8.76 4.83
C ARG A 12 5.28 -8.64 3.70
N ARG A 13 5.87 -9.75 3.29
CA ARG A 13 6.86 -9.90 2.23
C ARG A 13 6.57 -11.26 1.57
N ILE A 1 -5.23 6.65 7.16
CA ILE A 1 -4.11 5.90 6.57
C ILE A 1 -4.49 5.68 5.09
N LEU A 2 -3.53 5.57 4.17
CA LEU A 2 -3.76 5.28 2.75
C LEU A 2 -2.55 4.50 2.22
N PRO A 3 -2.71 3.27 1.68
CA PRO A 3 -1.58 2.48 1.15
C PRO A 3 -1.09 3.02 -0.21
N TRP A 4 -2.04 3.34 -1.10
CA TRP A 4 -1.98 3.75 -2.52
C TRP A 4 -0.64 4.37 -2.98
N LYS A 5 0.07 3.68 -3.87
CA LYS A 5 1.36 4.01 -4.48
C LYS A 5 1.51 3.18 -5.75
N TRP A 6 2.46 3.53 -6.62
CA TRP A 6 2.79 2.88 -7.89
C TRP A 6 3.69 1.63 -7.69
N LYS A 7 3.58 0.97 -6.55
CA LYS A 7 4.21 -0.29 -6.19
C LYS A 7 3.32 -0.94 -5.13
N TRP A 8 3.21 -2.28 -5.16
CA TRP A 8 2.24 -3.04 -4.39
C TRP A 8 2.62 -3.04 -2.89
N THR A 9 1.78 -2.41 -2.06
CA THR A 9 1.87 -2.40 -0.61
C THR A 9 0.49 -2.23 0.05
N PRO A 10 -0.51 -3.11 -0.20
CA PRO A 10 -1.84 -2.99 0.41
C PRO A 10 -1.84 -3.33 1.91
N TRP A 11 -1.10 -4.37 2.30
CA TRP A 11 -0.96 -4.85 3.66
C TRP A 11 0.53 -4.83 4.01
N ARG A 12 0.91 -4.28 5.17
CA ARG A 12 2.28 -4.27 5.66
C ARG A 12 2.50 -5.54 6.51
N ARG A 13 3.03 -6.59 5.90
CA ARG A 13 3.40 -7.85 6.54
C ARG A 13 4.75 -7.65 7.25
N ILE A 1 -7.25 17.18 -2.19
CA ILE A 1 -6.00 16.44 -2.50
C ILE A 1 -6.28 14.99 -2.07
N LEU A 2 -5.80 14.00 -2.82
CA LEU A 2 -6.00 12.57 -2.52
C LEU A 2 -4.62 11.88 -2.56
N PRO A 3 -3.95 11.59 -1.42
CA PRO A 3 -2.68 10.84 -1.40
C PRO A 3 -2.89 9.31 -1.55
N TRP A 4 -3.72 8.91 -2.51
CA TRP A 4 -4.21 7.54 -2.72
C TRP A 4 -3.15 6.71 -3.44
N LYS A 5 -2.90 5.50 -2.93
CA LYS A 5 -2.04 4.48 -3.50
C LYS A 5 -2.34 3.13 -2.81
N TRP A 6 -1.65 2.08 -3.26
CA TRP A 6 -1.63 0.72 -2.73
C TRP A 6 -0.95 0.64 -1.35
N LYS A 7 -0.51 -0.55 -0.93
CA LYS A 7 0.23 -0.80 0.29
C LYS A 7 1.34 -1.78 -0.09
N TRP A 8 2.61 -1.43 0.18
CA TRP A 8 3.76 -2.30 -0.01
C TRP A 8 3.92 -3.13 1.29
N THR A 9 3.09 -4.16 1.43
CA THR A 9 3.04 -5.03 2.60
C THR A 9 3.22 -6.49 2.13
N PRO A 10 4.45 -6.95 1.83
CA PRO A 10 4.69 -8.31 1.32
C PRO A 10 4.66 -9.34 2.47
N TRP A 11 3.47 -9.88 2.77
CA TRP A 11 3.19 -10.88 3.83
C TRP A 11 3.80 -12.27 3.54
N ARG A 12 5.03 -12.32 3.02
CA ARG A 12 5.76 -13.54 2.70
C ARG A 12 6.38 -14.13 3.97
N ARG A 13 6.44 -15.46 4.05
CA ARG A 13 7.16 -16.27 5.03
C ARG A 13 8.14 -17.14 4.22
N ILE A 1 -11.95 13.24 2.17
CA ILE A 1 -11.52 11.89 1.81
C ILE A 1 -10.28 12.08 0.92
N LEU A 2 -9.28 11.18 0.96
CA LEU A 2 -8.08 11.24 0.14
C LEU A 2 -7.67 9.79 -0.22
N PRO A 3 -7.98 9.27 -1.43
CA PRO A 3 -7.62 7.91 -1.83
C PRO A 3 -6.14 7.83 -2.25
N TRP A 4 -5.24 7.73 -1.27
CA TRP A 4 -3.80 7.57 -1.45
C TRP A 4 -3.45 6.12 -1.86
N LYS A 5 -2.17 5.79 -1.99
CA LYS A 5 -1.66 4.48 -2.41
C LYS A 5 -0.48 4.06 -1.53
N TRP A 6 -0.26 2.74 -1.47
CA TRP A 6 0.89 2.10 -0.84
C TRP A 6 2.14 2.33 -1.71
N LYS A 7 3.27 2.65 -1.07
CA LYS A 7 4.51 3.03 -1.74
C LYS A 7 5.45 1.83 -1.97
N TRP A 8 5.04 0.62 -1.54
CA TRP A 8 5.67 -0.66 -1.81
C TRP A 8 4.62 -1.74 -1.54
N THR A 9 4.92 -3.01 -1.84
CA THR A 9 3.99 -4.13 -1.76
C THR A 9 4.58 -5.31 -0.97
N PRO A 10 4.79 -5.19 0.37
CA PRO A 10 5.37 -6.26 1.19
C PRO A 10 4.33 -7.36 1.49
N TRP A 11 4.27 -8.37 0.61
CA TRP A 11 3.30 -9.45 0.66
C TRP A 11 3.55 -10.36 1.88
N ARG A 12 2.60 -10.42 2.82
CA ARG A 12 2.48 -11.37 3.94
C ARG A 12 3.47 -11.10 5.11
N ARG A 13 4.64 -10.55 4.80
CA ARG A 13 5.93 -10.51 5.49
C ARG A 13 6.94 -11.48 4.85
N ILE A 1 -12.55 8.84 -0.12
CA ILE A 1 -11.46 9.82 -0.14
C ILE A 1 -10.17 9.01 -0.32
N LEU A 2 -9.17 9.53 -1.03
CA LEU A 2 -7.87 8.89 -1.22
C LEU A 2 -6.78 9.99 -1.25
N PRO A 3 -6.07 10.27 -0.14
CA PRO A 3 -4.99 11.27 -0.13
C PRO A 3 -3.66 10.72 -0.70
N TRP A 4 -3.53 9.39 -0.77
CA TRP A 4 -2.43 8.65 -1.35
C TRP A 4 -2.99 7.69 -2.40
N LYS A 5 -2.08 7.25 -3.28
CA LYS A 5 -2.25 6.19 -4.25
C LYS A 5 -2.03 4.82 -3.56
N TRP A 6 -1.77 3.77 -4.36
CA TRP A 6 -1.39 2.43 -3.91
C TRP A 6 -0.09 2.44 -3.09
N LYS A 7 0.05 1.45 -2.19
CA LYS A 7 1.27 1.18 -1.45
C LYS A 7 1.77 -0.18 -1.93
N TRP A 8 3.07 -0.28 -2.20
CA TRP A 8 3.75 -1.48 -2.62
C TRP A 8 4.07 -2.25 -1.34
N THR A 9 3.45 -3.42 -1.13
CA THR A 9 3.58 -4.21 0.10
C THR A 9 3.55 -5.71 -0.24
N PRO A 10 4.63 -6.30 -0.81
CA PRO A 10 4.75 -7.75 -0.98
C PRO A 10 5.08 -8.42 0.38
N TRP A 11 4.90 -9.75 0.45
CA TRP A 11 5.25 -10.59 1.61
C TRP A 11 4.40 -10.23 2.85
N ARG A 12 3.14 -9.84 2.62
CA ARG A 12 2.21 -9.21 3.57
C ARG A 12 1.70 -10.22 4.62
N ARG A 13 2.62 -10.82 5.38
CA ARG A 13 2.46 -11.75 6.48
C ARG A 13 1.40 -11.33 7.53
N ILE A 1 -10.94 8.74 5.80
CA ILE A 1 -9.56 8.98 5.33
C ILE A 1 -9.42 8.33 3.95
N LEU A 2 -8.37 8.64 3.19
CA LEU A 2 -8.05 8.01 1.91
C LEU A 2 -6.53 7.81 1.88
N PRO A 3 -5.99 6.60 2.17
CA PRO A 3 -4.55 6.36 2.17
C PRO A 3 -4.01 6.15 0.75
N TRP A 4 -2.80 6.64 0.47
CA TRP A 4 -2.11 6.43 -0.80
C TRP A 4 -1.57 4.99 -0.87
N LYS A 5 -2.10 4.23 -1.83
CA LYS A 5 -1.82 2.84 -2.23
C LYS A 5 -0.33 2.41 -2.17
N TRP A 6 -0.08 1.10 -2.03
CA TRP A 6 1.23 0.48 -1.88
C TRP A 6 2.24 0.84 -2.99
N LYS A 7 3.51 0.98 -2.60
CA LYS A 7 4.70 1.10 -3.42
C LYS A 7 5.86 0.60 -2.56
N TRP A 8 6.86 -0.04 -3.17
CA TRP A 8 8.08 -0.57 -2.54
C TRP A 8 7.74 -1.81 -1.70
N THR A 9 7.72 -2.99 -2.34
CA THR A 9 7.40 -4.30 -1.76
C THR A 9 5.89 -4.39 -1.41
N PRO A 10 4.98 -4.59 -2.41
CA PRO A 10 3.52 -4.62 -2.18
C PRO A 10 3.08 -5.95 -1.55
N TRP A 11 3.43 -6.15 -0.27
CA TRP A 11 3.08 -7.31 0.53
C TRP A 11 1.66 -7.15 1.10
N ARG A 12 1.05 -8.26 1.52
CA ARG A 12 -0.30 -8.29 2.07
C ARG A 12 -0.17 -8.27 3.60
N ARG A 13 -0.85 -7.33 4.27
CA ARG A 13 -0.84 -7.18 5.73
C ARG A 13 -2.22 -6.74 6.26
N ILE A 1 -10.95 10.51 1.53
CA ILE A 1 -10.72 10.47 0.07
C ILE A 1 -9.21 10.49 -0.17
N LEU A 2 -8.74 10.23 -1.40
CA LEU A 2 -7.34 10.27 -1.85
C LEU A 2 -6.52 9.07 -1.30
N PRO A 3 -6.66 7.85 -1.88
CA PRO A 3 -5.98 6.65 -1.36
C PRO A 3 -4.49 6.63 -1.76
N TRP A 4 -3.63 7.17 -0.89
CA TRP A 4 -2.17 7.20 -1.06
C TRP A 4 -1.56 5.79 -0.99
N LYS A 5 -0.98 5.33 -2.09
CA LYS A 5 -0.32 4.04 -2.23
C LYS A 5 1.12 4.25 -2.70
N TRP A 6 1.99 4.77 -1.83
CA TRP A 6 3.42 4.94 -2.10
C TRP A 6 4.21 3.61 -2.00
N LYS A 7 3.52 2.50 -1.71
CA LYS A 7 4.02 1.15 -1.62
C LYS A 7 2.89 0.21 -2.04
N TRP A 8 3.24 -0.93 -2.65
CA TRP A 8 2.30 -1.87 -3.26
C TRP A 8 2.78 -3.32 -3.05
N THR A 9 3.50 -3.58 -1.96
CA THR A 9 4.06 -4.87 -1.57
C THR A 9 3.13 -5.53 -0.50
N PRO A 10 2.25 -6.48 -0.85
CA PRO A 10 1.23 -7.03 0.07
C PRO A 10 1.75 -8.16 1.00
N TRP A 11 3.07 -8.22 1.26
CA TRP A 11 3.76 -9.35 1.88
C TRP A 11 3.32 -9.57 3.33
N ARG A 12 2.77 -10.76 3.60
CA ARG A 12 2.28 -11.20 4.90
C ARG A 12 3.32 -12.09 5.59
N ARG A 13 3.11 -12.39 6.86
CA ARG A 13 3.70 -13.48 7.63
C ARG A 13 2.51 -14.34 8.10
N ILE A 1 -9.68 11.16 4.40
CA ILE A 1 -8.38 10.46 4.31
C ILE A 1 -8.48 9.54 3.10
N LEU A 2 -7.39 9.25 2.38
CA LEU A 2 -7.34 8.33 1.27
C LEU A 2 -5.96 7.66 1.28
N PRO A 3 -5.80 6.40 1.75
CA PRO A 3 -4.51 5.70 1.75
C PRO A 3 -4.23 5.12 0.34
N TRP A 4 -3.84 6.00 -0.60
CA TRP A 4 -3.60 5.64 -2.00
C TRP A 4 -2.28 4.85 -2.13
N LYS A 5 -2.17 4.00 -3.16
CA LYS A 5 -1.04 3.10 -3.35
C LYS A 5 0.19 3.85 -3.87
N TRP A 6 0.83 4.68 -3.03
CA TRP A 6 2.15 5.23 -3.33
C TRP A 6 3.20 4.12 -3.16
N LYS A 7 3.25 3.51 -1.97
CA LYS A 7 4.14 2.42 -1.59
C LYS A 7 3.86 1.12 -2.38
N TRP A 8 4.77 0.15 -2.25
CA TRP A 8 4.71 -1.18 -2.82
C TRP A 8 5.10 -2.13 -1.68
N THR A 9 4.17 -2.98 -1.21
CA THR A 9 4.39 -3.96 -0.15
C THR A 9 3.46 -5.18 -0.40
N PRO A 10 3.74 -6.03 -1.42
CA PRO A 10 2.88 -7.18 -1.74
C PRO A 10 3.15 -8.34 -0.76
N TRP A 11 2.37 -8.42 0.32
CA TRP A 11 2.36 -9.57 1.25
C TRP A 11 1.12 -9.50 2.16
N ARG A 12 0.75 -8.30 2.62
CA ARG A 12 -0.50 -7.95 3.33
C ARG A 12 -0.60 -8.48 4.78
N ARG A 13 0.24 -9.48 5.15
CA ARG A 13 0.36 -10.24 6.40
C ARG A 13 0.20 -9.45 7.72
N ILE A 1 -8.79 11.95 5.34
CA ILE A 1 -8.01 10.70 5.38
C ILE A 1 -7.60 10.41 3.93
N LEU A 2 -6.41 9.83 3.70
CA LEU A 2 -5.92 9.45 2.38
C LEU A 2 -5.43 7.99 2.46
N PRO A 3 -6.26 6.96 2.14
CA PRO A 3 -5.87 5.54 2.24
C PRO A 3 -5.03 5.08 1.02
N TRP A 4 -3.97 5.82 0.69
CA TRP A 4 -3.16 5.67 -0.51
C TRP A 4 -2.12 4.56 -0.33
N LYS A 5 -1.85 3.82 -1.40
CA LYS A 5 -0.73 2.90 -1.58
C LYS A 5 -0.25 3.09 -3.03
N TRP A 6 1.02 2.78 -3.32
CA TRP A 6 1.57 2.74 -4.67
C TRP A 6 1.76 1.27 -5.09
N LYS A 7 2.20 1.07 -6.34
CA LYS A 7 2.55 -0.24 -6.87
C LYS A 7 3.96 -0.63 -6.41
N TRP A 8 4.15 -1.90 -6.05
CA TRP A 8 5.43 -2.53 -5.70
C TRP A 8 5.79 -2.40 -4.21
N THR A 9 4.81 -2.14 -3.33
CA THR A 9 5.02 -2.10 -1.88
C THR A 9 4.69 -3.51 -1.29
N PRO A 10 5.68 -4.31 -0.85
CA PRO A 10 5.42 -5.56 -0.11
C PRO A 10 5.14 -5.24 1.38
N TRP A 11 4.47 -6.16 2.09
CA TRP A 11 4.28 -6.06 3.54
C TRP A 11 4.08 -7.44 4.18
N ARG A 12 3.00 -8.17 3.79
CA ARG A 12 2.66 -9.54 4.23
C ARG A 12 2.23 -9.66 5.71
N ARG A 13 2.04 -8.53 6.42
CA ARG A 13 1.93 -8.33 7.87
C ARG A 13 3.23 -7.82 8.51
N ILE A 1 -10.61 10.25 -4.62
CA ILE A 1 -9.76 10.64 -3.48
C ILE A 1 -8.73 9.53 -3.25
N LEU A 2 -7.75 9.74 -2.36
CA LEU A 2 -6.77 8.76 -1.87
C LEU A 2 -5.63 8.48 -2.90
N PRO A 3 -4.58 9.34 -2.98
CA PRO A 3 -3.44 9.08 -3.87
C PRO A 3 -2.53 7.96 -3.33
N TRP A 4 -2.33 7.93 -2.00
CA TRP A 4 -1.56 6.94 -1.25
C TRP A 4 -2.12 5.51 -1.33
N LYS A 5 -1.29 4.53 -1.00
CA LYS A 5 -1.61 3.13 -0.78
C LYS A 5 -0.53 2.54 0.14
N TRP A 6 -0.84 1.42 0.81
CA TRP A 6 -0.05 0.73 1.83
C TRP A 6 1.12 -0.06 1.21
N LYS A 7 1.92 0.61 0.36
CA LYS A 7 2.82 0.07 -0.65
C LYS A 7 1.99 -0.42 -1.86
N TRP A 8 2.66 -1.02 -2.85
CA TRP A 8 2.01 -1.82 -3.90
C TRP A 8 2.18 -3.30 -3.57
N THR A 9 3.39 -3.69 -3.14
CA THR A 9 3.80 -5.06 -2.87
C THR A 9 4.27 -5.24 -1.40
N PRO A 10 3.39 -5.07 -0.38
CA PRO A 10 3.78 -5.31 1.02
C PRO A 10 3.89 -6.82 1.30
N TRP A 11 5.08 -7.27 1.73
CA TRP A 11 5.35 -8.64 2.13
C TRP A 11 4.87 -8.86 3.58
N ARG A 12 4.54 -10.12 3.92
CA ARG A 12 4.06 -10.55 5.24
C ARG A 12 2.63 -10.04 5.51
N ARG A 13 1.70 -10.39 4.62
CA ARG A 13 0.27 -10.04 4.62
C ARG A 13 -0.49 -10.78 5.75
N ILE A 1 -9.95 15.89 0.33
CA ILE A 1 -9.88 14.42 0.41
C ILE A 1 -8.68 13.99 -0.44
N LEU A 2 -8.07 12.82 -0.18
CA LEU A 2 -6.99 12.24 -0.98
C LEU A 2 -7.12 10.72 -0.86
N PRO A 3 -7.09 9.93 -1.95
CA PRO A 3 -7.21 8.46 -1.87
C PRO A 3 -5.90 7.77 -1.44
N TRP A 4 -4.76 8.26 -1.97
CA TRP A 4 -3.40 7.71 -2.00
C TRP A 4 -3.00 6.63 -0.99
N LYS A 5 -2.68 5.43 -1.49
CA LYS A 5 -1.86 4.37 -0.92
C LYS A 5 -1.11 3.75 -2.10
N TRP A 6 0.09 3.19 -1.88
CA TRP A 6 0.87 2.47 -2.87
C TRP A 6 0.81 0.97 -2.56
N LYS A 7 1.43 0.15 -3.41
CA LYS A 7 1.50 -1.31 -3.28
C LYS A 7 2.61 -1.66 -2.28
N TRP A 8 2.36 -1.39 -0.99
CA TRP A 8 3.23 -1.68 0.15
C TRP A 8 3.10 -3.16 0.60
N THR A 9 2.72 -4.05 -0.32
CA THR A 9 2.30 -5.45 -0.20
C THR A 9 3.13 -6.26 0.82
N PRO A 10 2.65 -6.41 2.09
CA PRO A 10 3.46 -7.01 3.15
C PRO A 10 3.52 -8.54 3.02
N TRP A 11 4.73 -9.09 3.16
CA TRP A 11 5.14 -10.49 3.04
C TRP A 11 4.18 -11.46 3.75
N ARG A 12 3.78 -12.55 3.08
CA ARG A 12 2.91 -13.58 3.61
C ARG A 12 3.78 -14.54 4.46
N ARG A 13 4.06 -14.15 5.71
CA ARG A 13 4.90 -14.86 6.68
C ARG A 13 4.17 -16.09 7.26
#